data_1LIJ
#
_entry.id   1LIJ
#
_cell.length_a   167.700
_cell.length_b   46.970
_cell.length_c   44.090
_cell.angle_alpha   90.00
_cell.angle_beta   90.00
_cell.angle_gamma   90.00
#
_symmetry.space_group_name_H-M   'P 21 21 2'
#
loop_
_entity.id
_entity.type
_entity.pdbx_description
1 polymer 'adenosine kinase'
2 non-polymer 'CHLORIDE ION'
3 non-polymer 'MAGNESIUM ION'
4 non-polymer 2-RIBOFURANOSYL-3-IODO-2,3-DIHYDRO-1H-PYRAZOLO[3,4-D]PYRIMIDIN-4-YLAMINE
5 non-polymer 'PHOSPHOMETHYLPHOSPHONIC ACID ADENYLATE ESTER'
6 water water
#
_entity_poly.entity_id   1
_entity_poly.type   'polypeptide(L)'
_entity_poly.pdbx_seq_one_letter_code
;MAVDSSNSATGPMRVFAIGNPILDLVAEVPSSFLDEFFLKRGDATLATPEQMRIYSTLDQFNPTSLPGGSALNSVRVVQK
LLRKPGSAGYMGAIGDDPRGQVLKELCDKEGLATRFMVAPGQSTGTCAVLINEKERTLCTHLGACGSFRIPENWTTFASG
ALIFYATAYTLTATPKNALEVAGYAHGIPNAIFTLNLSAPFCVELYKDAMQSLLLHTNILFGNEEEFAHLAKVHNLVAAE
KVALSVANKEHAVEVCTGALRLLTAGQNTGATKLVVMTRGHNPVIAAEQTADGTVVVHEVGVPVVAAEKIVDTNGAGDAF
VGGFLYGLSQGKTVKQCIMCGNACAQDVIQHVGFSLSFTSLPC
;
_entity_poly.pdbx_strand_id   A
#
loop_
_chem_comp.id
_chem_comp.type
_chem_comp.name
_chem_comp.formula
ACP non-polymer 'PHOSPHOMETHYLPHOSPHONIC ACID ADENYLATE ESTER' 'C11 H18 N5 O12 P3'
CL non-polymer 'CHLORIDE ION' 'Cl -1'
MG non-polymer 'MAGNESIUM ION' 'Mg 2'
RPP non-polymer 2-RIBOFURANOSYL-3-IODO-2,3-DIHYDRO-1H-PYRAZOLO[3,4-D]PYRIMIDIN-4-YLAMINE 'C10 H14 I N5 O4'
#
# COMPACT_ATOMS: atom_id res chain seq x y z
N GLY A 11 22.56 -4.31 3.50
CA GLY A 11 22.20 -5.16 4.64
C GLY A 11 21.06 -6.13 4.31
N PRO A 12 21.12 -7.33 4.93
CA PRO A 12 20.16 -8.44 4.78
C PRO A 12 18.78 -7.91 4.46
N MET A 13 18.07 -7.49 5.48
CA MET A 13 16.76 -6.96 5.23
C MET A 13 16.91 -5.53 4.71
N ARG A 14 16.29 -5.22 3.58
CA ARG A 14 16.39 -3.87 3.01
C ARG A 14 15.13 -3.07 3.29
N VAL A 15 13.98 -3.74 3.21
CA VAL A 15 12.72 -3.05 3.45
C VAL A 15 11.87 -3.82 4.45
N PHE A 16 11.27 -3.09 5.39
CA PHE A 16 10.42 -3.71 6.39
C PHE A 16 9.07 -3.02 6.38
N ALA A 17 7.98 -3.77 6.39
CA ALA A 17 6.70 -3.11 6.38
C ALA A 17 5.69 -3.79 7.29
N ILE A 18 4.65 -3.07 7.64
CA ILE A 18 3.60 -3.63 8.46
C ILE A 18 2.37 -3.51 7.59
N GLY A 19 1.38 -4.37 7.78
CA GLY A 19 0.21 -4.25 6.93
C GLY A 19 -0.87 -5.23 7.36
N ASN A 20 -1.92 -5.28 6.57
CA ASN A 20 -3.03 -6.19 6.84
C ASN A 20 -2.95 -7.34 5.83
N PRO A 21 -2.51 -8.52 6.26
CA PRO A 21 -2.43 -9.65 5.32
C PRO A 21 -3.86 -10.08 5.02
N ILE A 22 -4.23 -10.04 3.75
CA ILE A 22 -5.59 -10.40 3.38
C ILE A 22 -5.63 -11.28 2.16
N LEU A 23 -6.77 -11.96 2.00
CA LEU A 23 -6.94 -12.83 0.85
C LEU A 23 -7.86 -12.13 -0.12
N ASP A 24 -7.49 -12.03 -1.38
CA ASP A 24 -8.38 -11.35 -2.30
C ASP A 24 -9.20 -12.35 -3.11
N LEU A 25 -10.47 -12.04 -3.34
CA LEU A 25 -11.36 -12.87 -4.15
C LEU A 25 -11.66 -11.95 -5.32
N VAL A 26 -11.19 -12.31 -6.50
CA VAL A 26 -11.39 -11.43 -7.66
C VAL A 26 -12.42 -11.97 -8.62
N ALA A 27 -13.29 -11.10 -9.06
CA ALA A 27 -14.29 -11.51 -10.00
C ALA A 27 -14.76 -10.35 -10.81
N GLU A 28 -15.13 -10.63 -12.04
CA GLU A 28 -15.65 -9.61 -12.92
C GLU A 28 -17.15 -9.65 -12.68
N VAL A 29 -17.77 -8.53 -12.37
CA VAL A 29 -19.20 -8.58 -12.12
C VAL A 29 -19.94 -7.49 -12.88
N PRO A 30 -21.23 -7.68 -13.02
CA PRO A 30 -22.06 -6.71 -13.72
C PRO A 30 -22.33 -5.51 -12.82
N SER A 31 -22.67 -4.37 -13.43
CA SER A 31 -22.95 -3.15 -12.67
C SER A 31 -24.05 -3.39 -11.65
N SER A 32 -24.98 -4.25 -11.99
CA SER A 32 -26.09 -4.55 -11.12
C SER A 32 -25.62 -5.12 -9.78
N PHE A 33 -24.51 -5.84 -9.80
CA PHE A 33 -23.99 -6.43 -8.58
C PHE A 33 -23.54 -5.30 -7.65
N LEU A 34 -22.81 -4.37 -8.23
CA LEU A 34 -22.31 -3.24 -7.47
C LEU A 34 -23.46 -2.47 -6.85
N ASP A 35 -24.53 -2.37 -7.61
CA ASP A 35 -25.70 -1.65 -7.14
C ASP A 35 -26.36 -2.40 -6.02
N GLU A 36 -26.53 -3.71 -6.16
CA GLU A 36 -27.19 -4.44 -5.10
C GLU A 36 -26.40 -4.43 -3.82
N PHE A 37 -25.09 -4.29 -3.91
CA PHE A 37 -24.27 -4.29 -2.71
C PHE A 37 -23.88 -2.89 -2.23
N PHE A 38 -24.57 -1.87 -2.73
CA PHE A 38 -24.30 -0.48 -2.33
C PHE A 38 -22.84 -0.06 -2.49
N LEU A 39 -22.21 -0.47 -3.57
CA LEU A 39 -20.82 -0.11 -3.79
C LEU A 39 -20.69 0.91 -4.90
N LYS A 40 -19.74 1.80 -4.75
CA LYS A 40 -19.52 2.81 -5.77
C LYS A 40 -18.34 2.32 -6.62
N ARG A 41 -18.53 2.30 -7.93
CA ARG A 41 -17.46 1.82 -8.79
C ARG A 41 -16.17 2.58 -8.55
N GLY A 42 -15.09 1.85 -8.33
CA GLY A 42 -13.77 2.45 -8.10
C GLY A 42 -13.46 2.76 -6.63
N ASP A 43 -14.41 2.55 -5.73
CA ASP A 43 -14.15 2.83 -4.33
C ASP A 43 -13.37 1.72 -3.65
N ALA A 44 -12.89 2.04 -2.46
CA ALA A 44 -12.16 1.14 -1.59
C ALA A 44 -12.72 1.36 -0.19
N THR A 45 -13.37 0.33 0.35
CA THR A 45 -13.95 0.43 1.68
C THR A 45 -13.96 -0.86 2.47
N LEU A 46 -14.34 -0.72 3.74
CA LEU A 46 -14.46 -1.83 4.68
C LEU A 46 -15.93 -2.22 4.61
N ALA A 47 -16.20 -3.50 4.53
CA ALA A 47 -17.59 -3.95 4.40
C ALA A 47 -18.50 -3.62 5.57
N THR A 48 -19.72 -3.18 5.26
CA THR A 48 -20.68 -2.89 6.30
C THR A 48 -21.42 -4.21 6.54
N PRO A 49 -22.28 -4.27 7.53
CA PRO A 49 -22.98 -5.51 7.79
C PRO A 49 -23.82 -5.94 6.59
N GLU A 50 -24.44 -4.99 5.91
CA GLU A 50 -25.27 -5.32 4.77
C GLU A 50 -24.49 -5.82 3.57
N GLN A 51 -23.16 -5.67 3.60
CA GLN A 51 -22.35 -6.12 2.48
C GLN A 51 -21.63 -7.42 2.78
N MET A 52 -21.79 -7.96 3.98
CA MET A 52 -21.12 -9.20 4.33
C MET A 52 -21.48 -10.36 3.39
N ARG A 53 -22.67 -10.29 2.81
CA ARG A 53 -23.17 -11.30 1.89
C ARG A 53 -22.39 -11.36 0.58
N ILE A 54 -21.64 -10.32 0.27
CA ILE A 54 -20.87 -10.32 -0.97
C ILE A 54 -19.95 -11.52 -1.05
N TYR A 55 -19.29 -11.82 0.08
CA TYR A 55 -18.35 -12.92 0.15
C TYR A 55 -18.89 -14.27 -0.29
N SER A 56 -20.08 -14.64 0.15
CA SER A 56 -20.59 -15.94 -0.26
C SER A 56 -21.16 -15.93 -1.67
N THR A 57 -21.80 -14.83 -2.02
CA THR A 57 -22.44 -14.65 -3.32
C THR A 57 -21.49 -14.58 -4.50
N LEU A 58 -20.21 -14.37 -4.26
CA LEU A 58 -19.28 -14.27 -5.37
C LEU A 58 -19.05 -15.58 -6.11
N ASP A 59 -19.31 -16.70 -5.44
CA ASP A 59 -19.10 -18.01 -6.05
C ASP A 59 -19.78 -18.13 -7.40
N GLN A 60 -20.93 -17.51 -7.54
CA GLN A 60 -21.63 -17.60 -8.81
C GLN A 60 -20.90 -16.89 -9.93
N PHE A 61 -19.85 -16.15 -9.62
CA PHE A 61 -19.13 -15.44 -10.68
C PHE A 61 -17.81 -16.11 -11.05
N ASN A 62 -17.56 -17.28 -10.50
CA ASN A 62 -16.32 -18.01 -10.80
C ASN A 62 -15.07 -17.17 -10.49
N PRO A 63 -14.99 -16.69 -9.27
CA PRO A 63 -13.86 -15.89 -8.86
C PRO A 63 -12.59 -16.70 -8.79
N THR A 64 -11.53 -15.97 -8.64
CA THR A 64 -10.19 -16.50 -8.53
C THR A 64 -9.70 -16.00 -7.18
N SER A 65 -8.82 -16.73 -6.53
CA SER A 65 -8.38 -16.23 -5.24
C SER A 65 -6.87 -16.17 -5.16
N LEU A 66 -6.36 -15.12 -4.53
CA LEU A 66 -4.91 -14.95 -4.38
C LEU A 66 -4.58 -14.05 -3.20
N PRO A 67 -3.35 -14.09 -2.72
CA PRO A 67 -3.02 -13.24 -1.59
C PRO A 67 -3.20 -11.78 -1.97
N GLY A 68 -3.57 -10.96 -1.01
CA GLY A 68 -3.76 -9.54 -1.26
C GLY A 68 -3.15 -8.73 -0.13
N GLY A 69 -3.72 -7.59 0.17
CA GLY A 69 -3.16 -6.77 1.22
C GLY A 69 -2.22 -5.82 0.53
N SER A 70 -2.55 -4.53 0.57
CA SER A 70 -1.75 -3.50 -0.09
C SER A 70 -0.25 -3.55 0.18
N ALA A 71 0.13 -3.38 1.45
CA ALA A 71 1.54 -3.38 1.80
C ALA A 71 2.17 -4.73 1.46
N LEU A 72 1.40 -5.80 1.64
CA LEU A 72 1.92 -7.11 1.33
C LEU A 72 2.21 -7.20 -0.17
N ASN A 73 1.33 -6.66 -1.01
CA ASN A 73 1.60 -6.71 -2.44
C ASN A 73 2.91 -5.97 -2.71
N SER A 74 3.04 -4.80 -2.11
CA SER A 74 4.23 -3.96 -2.29
C SER A 74 5.53 -4.63 -1.91
N VAL A 75 5.58 -5.21 -0.73
CA VAL A 75 6.76 -5.87 -0.24
C VAL A 75 7.09 -7.13 -1.03
N ARG A 76 6.09 -7.75 -1.62
CA ARG A 76 6.33 -8.95 -2.39
C ARG A 76 7.05 -8.60 -3.68
N VAL A 77 6.70 -7.44 -4.24
CA VAL A 77 7.34 -6.96 -5.45
C VAL A 77 8.81 -6.73 -5.13
N VAL A 78 9.07 -6.05 -4.02
CA VAL A 78 10.46 -5.80 -3.63
C VAL A 78 11.23 -7.11 -3.46
N GLN A 79 10.67 -8.06 -2.71
CA GLN A 79 11.32 -9.34 -2.49
C GLN A 79 11.55 -10.04 -3.83
N LYS A 80 10.55 -9.96 -4.69
CA LYS A 80 10.68 -10.58 -5.99
C LYS A 80 11.88 -10.01 -6.72
N LEU A 81 12.02 -8.68 -6.67
CA LEU A 81 13.12 -8.01 -7.35
C LEU A 81 14.48 -8.13 -6.65
N LEU A 82 14.51 -8.20 -5.32
CA LEU A 82 15.79 -8.31 -4.63
C LEU A 82 16.25 -9.76 -4.53
N ARG A 83 15.31 -10.69 -4.75
CA ARG A 83 15.52 -12.14 -4.74
C ARG A 83 16.02 -12.82 -3.45
N LYS A 84 17.15 -12.38 -2.91
CA LYS A 84 17.71 -13.00 -1.70
C LYS A 84 16.67 -13.18 -0.60
N PRO A 85 16.70 -14.30 0.11
CA PRO A 85 15.72 -14.53 1.15
C PRO A 85 15.80 -13.46 2.23
N GLY A 86 14.64 -13.08 2.74
CA GLY A 86 14.57 -12.08 3.78
C GLY A 86 14.93 -10.68 3.28
N SER A 87 14.96 -10.46 1.96
CA SER A 87 15.28 -9.14 1.42
C SER A 87 14.23 -8.12 1.91
N ALA A 88 12.99 -8.57 2.03
CA ALA A 88 11.90 -7.72 2.51
C ALA A 88 11.28 -8.44 3.70
N GLY A 89 10.87 -7.68 4.71
CA GLY A 89 10.28 -8.29 5.90
C GLY A 89 8.89 -7.72 6.14
N TYR A 90 8.01 -8.49 6.74
CA TYR A 90 6.66 -7.99 6.96
C TYR A 90 6.04 -8.58 8.20
N MET A 91 5.19 -7.79 8.84
CA MET A 91 4.50 -8.23 10.04
C MET A 91 3.06 -7.82 9.93
N GLY A 92 2.17 -8.65 10.41
CA GLY A 92 0.74 -8.36 10.36
C GLY A 92 0.02 -9.47 11.11
N ALA A 93 -1.31 -9.46 11.15
CA ALA A 93 -1.98 -10.54 11.88
C ALA A 93 -2.92 -11.36 10.99
N ILE A 94 -2.87 -12.68 11.13
CA ILE A 94 -3.74 -13.56 10.36
C ILE A 94 -4.61 -14.32 11.35
N GLY A 95 -5.70 -14.96 10.91
CA GLY A 95 -6.55 -15.70 11.85
C GLY A 95 -5.92 -17.07 12.07
N ASP A 96 -6.54 -17.91 12.91
CA ASP A 96 -5.97 -19.24 13.14
C ASP A 96 -6.75 -20.22 12.27
N ASP A 97 -7.05 -19.78 11.03
CA ASP A 97 -7.80 -20.59 10.08
C ASP A 97 -6.95 -21.06 8.92
N PRO A 98 -7.51 -21.95 8.13
CA PRO A 98 -6.79 -22.47 6.98
C PRO A 98 -6.35 -21.33 6.06
N ARG A 99 -7.22 -20.36 5.86
CA ARG A 99 -6.90 -19.24 4.98
C ARG A 99 -5.58 -18.58 5.39
N GLY A 100 -5.44 -18.32 6.68
CA GLY A 100 -4.22 -17.71 7.17
C GLY A 100 -3.03 -18.61 6.87
N GLN A 101 -3.21 -19.92 6.97
CA GLN A 101 -2.08 -20.80 6.69
C GLN A 101 -1.65 -20.73 5.23
N VAL A 102 -2.60 -20.54 4.35
CA VAL A 102 -2.33 -20.46 2.92
C VAL A 102 -1.52 -19.23 2.60
N LEU A 103 -1.90 -18.10 3.19
CA LEU A 103 -1.18 -16.89 2.93
C LEU A 103 0.26 -17.04 3.41
N LYS A 104 0.40 -17.60 4.61
CA LYS A 104 1.73 -17.80 5.18
C LYS A 104 2.61 -18.67 4.29
N GLU A 105 2.09 -19.81 3.89
CA GLU A 105 2.86 -20.70 3.04
C GLU A 105 3.29 -20.00 1.76
N LEU A 106 2.38 -19.25 1.15
CA LEU A 106 2.74 -18.55 -0.07
C LEU A 106 3.88 -17.56 0.17
N CYS A 107 3.84 -16.87 1.30
CA CYS A 107 4.90 -15.91 1.61
C CYS A 107 6.21 -16.62 1.81
N ASP A 108 6.16 -17.73 2.51
CA ASP A 108 7.39 -18.48 2.76
C ASP A 108 8.01 -18.94 1.44
N LYS A 109 7.17 -19.39 0.53
CA LYS A 109 7.65 -19.85 -0.77
C LYS A 109 8.31 -18.73 -1.54
N GLU A 110 7.95 -17.48 -1.25
CA GLU A 110 8.54 -16.36 -1.98
C GLU A 110 9.86 -15.90 -1.40
N GLY A 111 10.18 -16.42 -0.22
CA GLY A 111 11.41 -16.05 0.43
C GLY A 111 11.24 -14.81 1.31
N LEU A 112 10.03 -14.30 1.45
CA LEU A 112 9.84 -13.12 2.29
C LEU A 112 10.06 -13.43 3.77
N ALA A 113 10.62 -12.50 4.52
CA ALA A 113 10.80 -12.74 5.93
C ALA A 113 9.52 -12.31 6.62
N THR A 114 8.90 -13.17 7.42
CA THR A 114 7.68 -12.73 8.07
C THR A 114 7.59 -13.24 9.49
N ARG A 115 6.76 -12.56 10.25
CA ARG A 115 6.50 -12.90 11.63
C ARG A 115 5.03 -12.54 11.82
N PHE A 116 4.15 -13.46 11.48
CA PHE A 116 2.74 -13.16 11.62
C PHE A 116 2.23 -13.44 13.02
N MET A 117 1.39 -12.55 13.50
CA MET A 117 0.78 -12.71 14.80
C MET A 117 -0.53 -13.42 14.52
N VAL A 118 -0.87 -14.43 15.29
CA VAL A 118 -2.13 -15.11 15.04
C VAL A 118 -3.18 -14.65 16.04
N ALA A 119 -4.32 -14.26 15.53
CA ALA A 119 -5.44 -13.80 16.33
C ALA A 119 -6.39 -14.99 16.51
N PRO A 120 -6.30 -15.68 17.63
CA PRO A 120 -7.13 -16.85 17.87
C PRO A 120 -8.64 -16.59 17.75
N GLY A 121 -9.33 -17.53 17.11
CA GLY A 121 -10.77 -17.41 16.95
C GLY A 121 -11.21 -16.33 15.98
N GLN A 122 -10.31 -15.84 15.18
CA GLN A 122 -10.71 -14.82 14.22
C GLN A 122 -10.35 -15.30 12.86
N SER A 123 -11.06 -14.84 11.85
CA SER A 123 -10.75 -15.27 10.50
C SER A 123 -9.80 -14.31 9.81
N THR A 124 -9.00 -14.85 8.89
CA THR A 124 -8.06 -14.04 8.14
C THR A 124 -8.85 -13.07 7.29
N GLY A 125 -8.34 -11.87 7.11
CA GLY A 125 -9.03 -10.84 6.33
C GLY A 125 -9.28 -11.27 4.90
N THR A 126 -10.35 -10.75 4.33
CA THR A 126 -10.66 -11.08 2.95
C THR A 126 -11.12 -9.84 2.24
N CYS A 127 -10.77 -9.71 0.98
CA CYS A 127 -11.18 -8.54 0.24
C CYS A 127 -11.82 -8.95 -1.08
N ALA A 128 -12.98 -8.40 -1.37
CA ALA A 128 -13.60 -8.72 -2.63
C ALA A 128 -13.10 -7.70 -3.64
N VAL A 129 -12.46 -8.15 -4.70
CA VAL A 129 -11.94 -7.26 -5.73
C VAL A 129 -12.91 -7.41 -6.89
N LEU A 130 -13.77 -6.42 -7.04
CA LEU A 130 -14.77 -6.46 -8.07
C LEU A 130 -14.36 -5.62 -9.28
N ILE A 131 -14.29 -6.26 -10.42
CA ILE A 131 -13.90 -5.58 -11.64
C ILE A 131 -15.13 -5.39 -12.51
N ASN A 132 -15.34 -4.17 -12.94
CA ASN A 132 -16.46 -3.81 -13.79
C ASN A 132 -15.88 -2.80 -14.74
N GLU A 133 -16.15 -2.99 -16.03
CA GLU A 133 -15.58 -2.15 -17.05
C GLU A 133 -14.15 -2.59 -16.95
N LYS A 134 -13.29 -1.73 -16.45
CA LYS A 134 -11.90 -2.10 -16.28
C LYS A 134 -11.38 -1.58 -14.94
N GLU A 135 -12.33 -1.05 -14.19
CA GLU A 135 -12.11 -0.48 -12.88
C GLU A 135 -12.34 -1.52 -11.79
N ARG A 136 -11.61 -1.34 -10.71
CA ARG A 136 -11.72 -2.23 -9.57
C ARG A 136 -12.36 -1.55 -8.37
N THR A 137 -13.16 -2.06 -7.52
CA THR A 137 -13.80 -1.53 -6.31
C THR A 137 -13.38 -2.50 -5.23
N LEU A 138 -12.92 -2.31 -4.27
CA LEU A 138 -12.46 -3.11 -3.15
C LEU A 138 -13.37 -3.00 -1.93
N CYS A 139 -13.71 -4.15 -1.36
CA CYS A 139 -14.56 -4.19 -0.18
C CYS A 139 -13.95 -5.25 0.72
N THR A 140 -13.37 -4.84 1.83
CA THR A 140 -12.72 -5.78 2.70
C THR A 140 -13.32 -5.96 4.09
N HIS A 141 -13.14 -7.18 4.61
CA HIS A 141 -13.57 -7.56 5.94
C HIS A 141 -12.25 -7.83 6.62
N LEU A 142 -11.80 -6.95 7.46
CA LEU A 142 -10.51 -7.13 8.09
C LEU A 142 -10.32 -8.38 8.93
N GLY A 143 -11.32 -8.71 9.72
CA GLY A 143 -11.19 -9.88 10.59
C GLY A 143 -9.98 -9.70 11.52
N ALA A 144 -9.14 -10.73 11.56
CA ALA A 144 -7.95 -10.74 12.40
C ALA A 144 -7.00 -9.55 12.25
N CYS A 145 -6.95 -8.92 11.08
CA CYS A 145 -6.05 -7.79 10.90
C CYS A 145 -6.19 -6.70 11.96
N GLY A 146 -7.38 -6.55 12.50
CA GLY A 146 -7.64 -5.53 13.49
C GLY A 146 -7.00 -5.77 14.84
N SER A 147 -6.53 -6.97 15.10
CA SER A 147 -5.92 -7.24 16.40
C SER A 147 -4.41 -7.16 16.37
N PHE A 148 -3.86 -6.83 15.22
CA PHE A 148 -2.41 -6.76 15.11
C PHE A 148 -1.80 -5.78 16.13
N ARG A 149 -0.75 -6.23 16.81
CA ARG A 149 -0.02 -5.42 17.80
C ARG A 149 1.45 -5.68 17.54
N ILE A 150 2.26 -4.67 17.28
CA ILE A 150 3.68 -4.96 17.00
C ILE A 150 4.39 -5.60 18.21
N PRO A 151 5.11 -6.70 18.02
CA PRO A 151 5.82 -7.31 19.16
C PRO A 151 6.94 -6.34 19.54
N GLU A 152 7.35 -6.26 20.80
CA GLU A 152 8.42 -5.31 21.16
C GLU A 152 9.78 -5.65 20.57
N ASN A 153 9.94 -6.89 20.14
CA ASN A 153 11.22 -7.31 19.57
C ASN A 153 11.23 -7.16 18.05
N TRP A 154 10.30 -6.39 17.51
CA TRP A 154 10.23 -6.20 16.06
C TRP A 154 11.49 -5.57 15.48
N THR A 155 12.10 -4.67 16.24
CA THR A 155 13.32 -4.00 15.80
C THR A 155 14.43 -5.01 15.52
N THR A 156 14.45 -6.09 16.29
CA THR A 156 15.47 -7.09 16.09
C THR A 156 15.18 -7.84 14.79
N PHE A 157 13.91 -8.17 14.60
CA PHE A 157 13.50 -8.90 13.41
C PHE A 157 13.84 -8.08 12.16
N ALA A 158 13.64 -6.77 12.26
CA ALA A 158 13.91 -5.87 11.14
C ALA A 158 15.31 -5.30 11.18
N SER A 159 16.16 -5.90 11.99
CA SER A 159 17.53 -5.44 12.12
C SER A 159 18.23 -5.28 10.77
N GLY A 160 18.70 -4.07 10.51
CA GLY A 160 19.41 -3.79 9.27
C GLY A 160 18.61 -3.06 8.20
N ALA A 161 17.29 -3.05 8.28
CA ALA A 161 16.56 -2.35 7.25
C ALA A 161 16.73 -0.84 7.39
N LEU A 162 16.75 -0.15 6.27
CA LEU A 162 16.89 1.29 6.26
C LEU A 162 15.62 1.92 5.72
N ILE A 163 14.79 1.10 5.10
CA ILE A 163 13.52 1.57 4.55
C ILE A 163 12.38 0.90 5.31
N PHE A 164 11.54 1.71 5.92
CA PHE A 164 10.40 1.23 6.69
C PHE A 164 9.13 1.71 6.02
N TYR A 165 8.17 0.83 5.85
CA TYR A 165 6.95 1.27 5.19
C TYR A 165 5.67 0.81 5.89
N ALA A 166 4.66 1.66 5.83
CA ALA A 166 3.38 1.34 6.43
C ALA A 166 2.29 1.96 5.60
N THR A 167 1.15 1.31 5.56
CA THR A 167 0.04 1.86 4.81
C THR A 167 -0.90 2.50 5.81
N ALA A 168 -1.67 3.46 5.35
CA ALA A 168 -2.58 4.08 6.27
C ALA A 168 -3.66 3.07 6.63
N TYR A 169 -3.79 2.01 5.82
CA TYR A 169 -4.80 0.99 6.09
C TYR A 169 -4.55 0.37 7.47
N THR A 170 -3.29 0.38 7.89
CA THR A 170 -2.95 -0.20 9.19
C THR A 170 -3.46 0.62 10.38
N LEU A 171 -3.89 1.84 10.16
CA LEU A 171 -4.39 2.66 11.26
C LEU A 171 -5.67 2.12 11.87
N THR A 172 -6.43 1.35 11.10
CA THR A 172 -7.68 0.78 11.59
C THR A 172 -7.47 -0.13 12.79
N ALA A 173 -6.40 -0.90 12.79
CA ALA A 173 -6.18 -1.78 13.93
C ALA A 173 -5.82 -0.88 15.11
N THR A 174 -4.90 0.04 14.85
CA THR A 174 -4.45 1.00 15.84
C THR A 174 -3.32 1.83 15.25
N PRO A 175 -3.30 3.12 15.49
CA PRO A 175 -2.26 3.99 14.94
C PRO A 175 -0.93 3.75 15.63
N LYS A 176 -0.99 3.18 16.82
CA LYS A 176 0.22 2.92 17.58
C LYS A 176 1.25 2.13 16.80
N ASN A 177 0.77 1.18 15.98
CA ASN A 177 1.69 0.36 15.20
C ASN A 177 2.54 1.20 14.27
N ALA A 178 1.91 1.96 13.38
CA ALA A 178 2.68 2.78 12.46
C ALA A 178 3.53 3.80 13.25
N LEU A 179 2.99 4.33 14.34
CA LEU A 179 3.72 5.31 15.14
C LEU A 179 5.01 4.75 15.71
N GLU A 180 4.98 3.51 16.15
CA GLU A 180 6.20 2.95 16.69
C GLU A 180 7.21 2.73 15.59
N VAL A 181 6.74 2.36 14.41
CA VAL A 181 7.69 2.13 13.34
C VAL A 181 8.34 3.44 12.94
N ALA A 182 7.52 4.46 12.79
CA ALA A 182 8.03 5.77 12.40
C ALA A 182 9.00 6.31 13.44
N GLY A 183 8.59 6.27 14.69
CA GLY A 183 9.45 6.77 15.76
C GLY A 183 10.81 6.09 15.75
N TYR A 184 10.83 4.79 15.53
CA TYR A 184 12.09 4.07 15.51
C TYR A 184 12.94 4.45 14.32
N ALA A 185 12.31 4.58 13.15
CA ALA A 185 13.07 4.94 11.96
C ALA A 185 13.73 6.32 12.16
N HIS A 186 12.99 7.20 12.85
CA HIS A 186 13.41 8.57 13.14
C HIS A 186 14.71 8.66 13.92
N GLY A 187 14.92 7.74 14.85
CA GLY A 187 16.13 7.74 15.65
C GLY A 187 17.28 7.08 14.90
N ILE A 188 17.00 6.58 13.72
CA ILE A 188 18.07 5.94 12.97
C ILE A 188 18.53 6.79 11.81
N PRO A 189 19.83 7.04 11.76
CA PRO A 189 20.45 7.83 10.70
C PRO A 189 20.46 7.03 9.40
N ASN A 190 20.03 7.68 8.31
CA ASN A 190 19.98 7.05 6.99
C ASN A 190 18.75 6.18 6.83
N ALA A 191 17.92 6.14 7.85
CA ALA A 191 16.70 5.35 7.79
C ALA A 191 15.55 6.23 7.36
N ILE A 192 14.64 5.71 6.56
CA ILE A 192 13.52 6.56 6.17
C ILE A 192 12.20 5.86 6.39
N PHE A 193 11.22 6.62 6.80
CA PHE A 193 9.92 6.04 7.01
C PHE A 193 9.08 6.49 5.84
N THR A 194 8.37 5.55 5.23
CA THR A 194 7.52 5.86 4.10
C THR A 194 6.10 5.46 4.43
N LEU A 195 5.15 6.23 3.94
CA LEU A 195 3.76 5.94 4.23
C LEU A 195 2.87 6.14 3.02
N ASN A 196 1.84 5.34 2.95
CA ASN A 196 0.90 5.44 1.86
C ASN A 196 -0.43 5.94 2.41
N LEU A 197 -1.03 6.90 1.72
CA LEU A 197 -2.31 7.41 2.20
C LEU A 197 -3.40 6.35 2.07
N SER A 198 -3.10 5.33 1.26
CA SER A 198 -3.96 4.16 1.00
C SER A 198 -5.36 4.35 0.44
N ALA A 199 -6.16 5.24 1.02
CA ALA A 199 -7.51 5.42 0.51
C ALA A 199 -8.17 6.63 1.17
N PRO A 200 -9.17 7.18 0.50
CA PRO A 200 -9.86 8.34 1.03
C PRO A 200 -10.34 8.14 2.47
N PHE A 201 -10.99 7.01 2.74
CA PHE A 201 -11.49 6.76 4.08
C PHE A 201 -10.42 6.89 5.15
N CYS A 202 -9.19 6.48 4.84
CA CYS A 202 -8.10 6.55 5.81
C CYS A 202 -7.78 8.00 6.18
N VAL A 203 -7.67 8.84 5.15
CA VAL A 203 -7.37 10.24 5.34
C VAL A 203 -8.46 10.92 6.13
N GLU A 204 -9.70 10.60 5.80
CA GLU A 204 -10.85 11.18 6.47
C GLU A 204 -11.02 10.76 7.93
N LEU A 205 -10.88 9.48 8.21
CA LEU A 205 -11.08 9.00 9.58
C LEU A 205 -9.89 9.10 10.54
N TYR A 206 -8.66 9.04 10.04
CA TYR A 206 -7.52 9.07 10.96
C TYR A 206 -6.70 10.35 10.92
N LYS A 207 -7.39 11.48 10.90
CA LYS A 207 -6.75 12.80 10.86
C LYS A 207 -5.69 13.06 11.93
N ASP A 208 -6.07 12.98 13.21
CA ASP A 208 -5.12 13.25 14.29
C ASP A 208 -3.90 12.37 14.26
N ALA A 209 -4.12 11.07 14.10
CA ALA A 209 -3.00 10.15 14.07
C ALA A 209 -2.11 10.45 12.87
N MET A 210 -2.74 10.70 11.73
CA MET A 210 -1.97 10.98 10.53
C MET A 210 -1.07 12.17 10.76
N GLN A 211 -1.64 13.19 11.38
CA GLN A 211 -0.91 14.40 11.67
C GLN A 211 0.39 14.08 12.40
N SER A 212 0.31 13.32 13.49
CA SER A 212 1.54 13.00 14.19
C SER A 212 2.48 12.13 13.35
N LEU A 213 1.91 11.26 12.53
CA LEU A 213 2.72 10.38 11.69
C LEU A 213 3.42 11.12 10.57
N LEU A 214 2.72 12.03 9.94
CA LEU A 214 3.30 12.78 8.83
C LEU A 214 4.60 13.48 9.23
N LEU A 215 4.61 14.09 10.42
CA LEU A 215 5.79 14.78 10.90
C LEU A 215 7.02 13.87 10.87
N HIS A 216 6.79 12.58 11.06
CA HIS A 216 7.90 11.62 11.04
C HIS A 216 8.03 10.86 9.74
N THR A 217 7.30 11.28 8.71
CA THR A 217 7.36 10.61 7.43
C THR A 217 8.36 11.27 6.48
N ASN A 218 9.16 10.47 5.81
CA ASN A 218 10.15 10.96 4.86
C ASN A 218 9.59 10.95 3.45
N ILE A 219 8.86 9.90 3.09
CA ILE A 219 8.28 9.82 1.76
C ILE A 219 6.80 9.50 1.86
N LEU A 220 5.96 10.35 1.31
CA LEU A 220 4.53 10.11 1.36
C LEU A 220 4.02 9.74 -0.02
N PHE A 221 3.31 8.63 -0.12
CA PHE A 221 2.78 8.21 -1.40
C PHE A 221 1.27 8.26 -1.39
N GLY A 222 0.69 8.47 -2.56
CA GLY A 222 -0.75 8.52 -2.66
C GLY A 222 -1.16 8.84 -4.08
N ASN A 223 -2.45 8.74 -4.34
CA ASN A 223 -2.97 9.06 -5.66
C ASN A 223 -3.65 10.43 -5.57
N GLU A 224 -4.04 10.98 -6.71
CA GLU A 224 -4.69 12.27 -6.73
C GLU A 224 -5.87 12.37 -5.78
N GLU A 225 -6.71 11.34 -5.77
CA GLU A 225 -7.90 11.28 -4.92
C GLU A 225 -7.56 11.40 -3.45
N GLU A 226 -6.57 10.63 -3.00
CA GLU A 226 -6.13 10.65 -1.61
C GLU A 226 -5.62 12.03 -1.13
N PHE A 227 -4.75 12.72 -1.91
CA PHE A 227 -4.22 14.05 -1.49
C PHE A 227 -5.31 15.14 -1.42
N ALA A 228 -6.28 15.04 -2.31
CA ALA A 228 -7.39 15.99 -2.34
C ALA A 228 -8.05 16.02 -0.97
N HIS A 229 -8.36 14.83 -0.44
CA HIS A 229 -8.99 14.75 0.88
C HIS A 229 -8.01 15.25 1.93
N LEU A 230 -6.73 14.94 1.73
CA LEU A 230 -5.74 15.40 2.68
C LEU A 230 -5.68 16.93 2.68
N ALA A 231 -5.86 17.53 1.51
CA ALA A 231 -5.83 18.99 1.41
C ALA A 231 -7.00 19.57 2.21
N LYS A 232 -8.20 19.05 1.95
CA LYS A 232 -9.41 19.49 2.62
C LYS A 232 -9.31 19.30 4.14
N VAL A 233 -9.07 18.06 4.57
CA VAL A 233 -8.94 17.75 6.00
C VAL A 233 -7.97 18.69 6.68
N HIS A 234 -6.94 19.06 5.96
CA HIS A 234 -5.98 19.98 6.50
C HIS A 234 -6.28 21.35 5.96
N ASN A 235 -5.26 22.15 5.73
CA ASN A 235 -5.44 23.48 5.20
C ASN A 235 -5.30 23.44 3.69
N LEU A 236 -4.15 23.90 3.21
CA LEU A 236 -3.73 23.95 1.80
C LEU A 236 -4.84 23.91 0.75
N VAL A 237 -5.69 22.89 0.80
CA VAL A 237 -6.79 22.72 -0.15
C VAL A 237 -6.25 22.75 -1.58
N LYS A 241 -3.37 18.81 -8.42
CA LYS A 241 -1.96 18.43 -8.79
C LYS A 241 -0.72 19.11 -8.04
N VAL A 242 0.03 19.97 -8.74
CA VAL A 242 1.23 20.61 -8.19
C VAL A 242 1.04 21.35 -6.87
N ALA A 243 0.01 22.17 -6.77
CA ALA A 243 -0.17 22.89 -5.52
C ALA A 243 -0.51 21.96 -4.37
N LEU A 244 -1.44 21.03 -4.61
CA LEU A 244 -1.83 20.06 -3.59
C LEU A 244 -0.57 19.37 -3.10
N SER A 245 0.25 18.95 -4.06
CA SER A 245 1.51 18.25 -3.80
C SER A 245 2.46 19.12 -2.97
N VAL A 246 2.67 20.38 -3.39
CA VAL A 246 3.56 21.27 -2.65
C VAL A 246 2.93 21.57 -1.30
N ALA A 247 1.61 21.59 -1.30
CA ALA A 247 0.89 21.83 -0.07
C ALA A 247 1.26 20.79 0.97
N ASN A 248 1.00 19.53 0.65
CA ASN A 248 1.29 18.43 1.56
C ASN A 248 2.69 18.44 2.15
N LYS A 249 3.64 18.94 1.40
CA LYS A 249 5.00 18.96 1.91
C LYS A 249 5.16 19.77 3.20
N GLU A 250 4.23 20.69 3.47
CA GLU A 250 4.32 21.48 4.69
C GLU A 250 4.02 20.59 5.88
N HIS A 251 2.99 19.78 5.74
CA HIS A 251 2.57 18.85 6.78
C HIS A 251 3.73 18.01 7.27
N ALA A 252 4.64 17.67 6.37
CA ALA A 252 5.79 16.85 6.78
C ALA A 252 6.92 17.72 7.27
N VAL A 253 6.92 18.93 6.79
CA VAL A 253 8.00 19.82 7.12
C VAL A 253 8.05 20.41 8.47
N THR A 269 22.22 19.26 6.57
CA THR A 269 21.22 18.88 7.58
C THR A 269 19.89 18.61 6.89
N GLY A 270 19.90 17.69 5.90
CA GLY A 270 18.67 17.39 5.15
C GLY A 270 18.09 15.96 5.20
N ALA A 271 17.05 15.76 5.98
CA ALA A 271 16.38 14.50 6.12
C ALA A 271 15.39 14.45 4.98
N THR A 272 15.34 13.36 4.23
CA THR A 272 14.43 13.24 3.10
C THR A 272 12.99 13.63 3.41
N LYS A 273 12.45 14.50 2.55
CA LYS A 273 11.08 14.98 2.64
C LYS A 273 10.58 15.02 1.22
N LEU A 274 9.82 14.00 0.84
CA LEU A 274 9.31 13.92 -0.51
C LEU A 274 7.89 13.41 -0.57
N VAL A 275 7.13 13.96 -1.48
CA VAL A 275 5.75 13.57 -1.67
C VAL A 275 5.63 13.06 -3.09
N VAL A 276 5.03 11.89 -3.25
CA VAL A 276 4.86 11.31 -4.58
C VAL A 276 3.39 11.07 -4.84
N MET A 277 2.85 11.76 -5.86
CA MET A 277 1.44 11.63 -6.20
C MET A 277 1.25 10.93 -7.54
N THR A 278 0.55 9.80 -7.52
CA THR A 278 0.29 9.06 -8.75
C THR A 278 -1.02 9.55 -9.32
N ARG A 279 -1.16 9.49 -10.63
CA ARG A 279 -2.40 9.96 -11.23
C ARG A 279 -2.80 9.18 -12.47
N GLY A 280 -3.06 7.89 -12.28
CA GLY A 280 -3.47 7.00 -13.37
C GLY A 280 -2.56 7.15 -14.55
N HIS A 281 -3.11 7.53 -15.69
CA HIS A 281 -2.28 7.69 -16.88
C HIS A 281 -1.60 9.06 -16.97
N ASN A 282 -1.95 9.98 -16.06
CA ASN A 282 -1.35 11.30 -16.05
C ASN A 282 0.04 11.24 -15.42
N PRO A 283 0.89 12.19 -15.77
CA PRO A 283 2.24 12.24 -15.25
C PRO A 283 2.30 12.21 -13.74
N VAL A 284 3.31 11.51 -13.25
CA VAL A 284 3.54 11.39 -11.83
C VAL A 284 4.24 12.67 -11.34
N ILE A 285 3.74 13.21 -10.24
CA ILE A 285 4.28 14.42 -9.64
C ILE A 285 4.96 14.11 -8.30
N ALA A 286 6.22 14.49 -8.20
CA ALA A 286 7.03 14.28 -7.00
C ALA A 286 7.66 15.61 -6.57
N ALA A 287 7.33 16.04 -5.35
CA ALA A 287 7.85 17.28 -4.78
C ALA A 287 8.74 17.00 -3.59
N GLU A 288 9.92 17.58 -3.60
CA GLU A 288 10.85 17.36 -2.51
C GLU A 288 11.40 18.66 -1.93
N GLN A 289 11.56 18.66 -0.63
CA GLN A 289 12.11 19.82 0.05
C GLN A 289 13.52 19.42 0.41
N THR A 290 14.48 20.09 -0.18
CA THR A 290 15.90 19.79 0.06
C THR A 290 16.41 20.44 1.33
N ALA A 291 17.63 20.03 1.69
CA ALA A 291 18.31 20.53 2.89
C ALA A 291 18.25 22.05 3.08
N ASP A 292 18.47 22.84 2.02
CA ASP A 292 18.45 24.31 2.10
C ASP A 292 17.05 24.94 2.13
N GLY A 293 16.01 24.19 1.80
CA GLY A 293 14.67 24.76 1.82
C GLY A 293 14.14 24.88 0.40
N THR A 294 14.98 24.54 -0.56
CA THR A 294 14.58 24.59 -1.96
C THR A 294 13.60 23.45 -2.23
N VAL A 295 12.50 23.79 -2.88
CA VAL A 295 11.49 22.80 -3.22
C VAL A 295 11.69 22.36 -4.64
N VAL A 296 11.94 21.09 -4.87
CA VAL A 296 12.13 20.64 -6.23
C VAL A 296 10.99 19.74 -6.66
N VAL A 297 10.45 20.03 -7.82
CA VAL A 297 9.35 19.25 -8.31
C VAL A 297 9.68 18.57 -9.63
N HIS A 298 9.19 17.35 -9.76
CA HIS A 298 9.39 16.56 -10.95
C HIS A 298 8.05 16.05 -11.46
N GLU A 299 7.81 16.23 -12.75
CA GLU A 299 6.59 15.76 -13.40
C GLU A 299 7.08 14.70 -14.38
N VAL A 300 6.91 13.43 -14.05
CA VAL A 300 7.39 12.33 -14.92
C VAL A 300 6.29 11.68 -15.75
N GLY A 301 6.43 11.69 -17.06
CA GLY A 301 5.43 11.09 -17.92
C GLY A 301 5.29 9.59 -17.71
N VAL A 302 4.09 9.11 -17.93
CA VAL A 302 3.84 7.70 -17.80
C VAL A 302 3.65 7.18 -19.21
N PRO A 303 4.38 6.12 -19.56
CA PRO A 303 4.30 5.53 -20.90
C PRO A 303 2.86 5.17 -21.24
N VAL A 304 2.45 5.50 -22.44
CA VAL A 304 1.09 5.18 -22.84
C VAL A 304 0.85 3.69 -22.97
N VAL A 305 -0.28 3.26 -22.45
CA VAL A 305 -0.67 1.87 -22.52
C VAL A 305 -2.03 1.84 -23.17
N ALA A 306 -2.13 1.15 -24.28
CA ALA A 306 -3.38 1.04 -25.02
C ALA A 306 -4.50 0.61 -24.09
N ALA A 307 -5.61 1.31 -24.14
CA ALA A 307 -6.73 0.97 -23.29
C ALA A 307 -7.17 -0.48 -23.50
N GLU A 308 -7.18 -0.95 -24.74
CA GLU A 308 -7.61 -2.33 -24.95
C GLU A 308 -6.65 -3.33 -24.35
N LYS A 309 -5.45 -2.87 -24.04
CA LYS A 309 -4.49 -3.78 -23.45
C LYS A 309 -4.64 -3.79 -21.94
N ILE A 310 -5.25 -2.76 -21.40
CA ILE A 310 -5.42 -2.73 -19.96
C ILE A 310 -6.38 -3.82 -19.53
N VAL A 311 -5.98 -4.64 -18.56
CA VAL A 311 -6.84 -5.72 -18.06
C VAL A 311 -7.74 -5.18 -16.94
N ASP A 312 -7.12 -4.81 -15.83
CA ASP A 312 -7.80 -4.24 -14.66
C ASP A 312 -6.78 -3.41 -13.90
N THR A 313 -7.20 -2.41 -13.14
CA THR A 313 -6.20 -1.62 -12.44
C THR A 313 -5.92 -2.08 -11.03
N ASN A 314 -6.46 -3.22 -10.62
CA ASN A 314 -6.19 -3.66 -9.25
C ASN A 314 -4.70 -3.79 -8.94
N GLY A 315 -4.25 -3.12 -7.89
CA GLY A 315 -2.86 -3.19 -7.46
C GLY A 315 -1.86 -2.31 -8.20
N ALA A 316 -2.32 -1.43 -9.08
CA ALA A 316 -1.38 -0.56 -9.80
C ALA A 316 -0.54 0.23 -8.80
N GLY A 317 -1.21 0.90 -7.88
CA GLY A 317 -0.51 1.71 -6.87
C GLY A 317 0.47 0.88 -6.05
N ASP A 318 0.05 -0.31 -5.65
CA ASP A 318 0.92 -1.18 -4.85
C ASP A 318 2.16 -1.56 -5.62
N ALA A 319 2.01 -1.88 -6.89
CA ALA A 319 3.17 -2.25 -7.68
C ALA A 319 4.08 -1.03 -7.87
N PHE A 320 3.45 0.12 -8.06
CA PHE A 320 4.23 1.33 -8.24
C PHE A 320 5.11 1.55 -7.02
N VAL A 321 4.52 1.49 -5.85
CA VAL A 321 5.31 1.68 -4.65
C VAL A 321 6.40 0.61 -4.51
N GLY A 322 6.07 -0.61 -4.89
CA GLY A 322 7.04 -1.70 -4.79
C GLY A 322 8.25 -1.43 -5.67
N GLY A 323 8.00 -0.97 -6.90
CA GLY A 323 9.08 -0.69 -7.81
C GLY A 323 9.91 0.47 -7.27
N PHE A 324 9.19 1.49 -6.78
CA PHE A 324 9.79 2.69 -6.22
C PHE A 324 10.67 2.34 -5.04
N LEU A 325 10.16 1.55 -4.10
CA LEU A 325 10.95 1.16 -2.94
C LEU A 325 12.16 0.32 -3.34
N TYR A 326 11.96 -0.60 -4.30
CA TYR A 326 13.08 -1.41 -4.74
C TYR A 326 14.20 -0.51 -5.26
N GLY A 327 13.86 0.41 -6.15
CA GLY A 327 14.84 1.33 -6.72
C GLY A 327 15.53 2.22 -5.68
N LEU A 328 14.73 2.78 -4.77
CA LEU A 328 15.25 3.65 -3.73
C LEU A 328 16.30 2.88 -2.99
N SER A 329 15.98 1.64 -2.72
CA SER A 329 16.92 0.81 -2.01
C SER A 329 18.18 0.60 -2.84
N GLN A 330 18.12 0.84 -4.14
CA GLN A 330 19.31 0.66 -4.97
C GLN A 330 20.06 1.97 -5.16
N GLY A 331 19.63 3.01 -4.46
CA GLY A 331 20.28 4.31 -4.55
C GLY A 331 19.93 5.04 -5.85
N LYS A 332 18.90 4.61 -6.55
CA LYS A 332 18.54 5.29 -7.79
C LYS A 332 17.99 6.65 -7.45
N THR A 333 17.89 7.54 -8.42
CA THR A 333 17.37 8.88 -8.15
C THR A 333 15.84 8.90 -8.10
N VAL A 334 15.28 10.02 -7.63
CA VAL A 334 13.83 10.16 -7.55
C VAL A 334 13.17 9.86 -8.90
N LYS A 335 13.71 10.45 -9.96
CA LYS A 335 13.13 10.22 -11.28
C LYS A 335 13.22 8.75 -11.68
N GLN A 336 14.37 8.14 -11.38
CA GLN A 336 14.56 6.74 -11.72
C GLN A 336 13.63 5.87 -10.90
N CYS A 337 13.40 6.26 -9.65
CA CYS A 337 12.51 5.47 -8.81
C CYS A 337 11.12 5.48 -9.41
N ILE A 338 10.67 6.65 -9.83
CA ILE A 338 9.36 6.74 -10.40
C ILE A 338 9.26 5.89 -11.66
N MET A 339 10.31 5.90 -12.44
CA MET A 339 10.31 5.12 -13.67
C MET A 339 10.18 3.64 -13.40
N CYS A 340 10.87 3.18 -12.38
CA CYS A 340 10.81 1.77 -12.01
C CYS A 340 9.41 1.46 -11.51
N GLY A 341 8.83 2.38 -10.75
CA GLY A 341 7.50 2.18 -10.23
C GLY A 341 6.51 2.12 -11.40
N ASN A 342 6.69 3.01 -12.37
CA ASN A 342 5.81 3.03 -13.53
C ASN A 342 5.90 1.73 -14.29
N ALA A 343 7.11 1.23 -14.46
CA ALA A 343 7.27 -0.03 -15.16
C ALA A 343 6.52 -1.17 -14.47
N CYS A 344 6.66 -1.30 -13.15
CA CYS A 344 5.96 -2.39 -12.45
C CYS A 344 4.45 -2.27 -12.58
N ALA A 345 3.94 -1.07 -12.37
CA ALA A 345 2.51 -0.83 -12.47
C ALA A 345 1.97 -1.15 -13.86
N GLN A 346 2.73 -0.79 -14.88
CA GLN A 346 2.26 -1.06 -16.23
C GLN A 346 2.14 -2.54 -16.50
N ASP A 347 3.07 -3.29 -16.00
CA ASP A 347 3.02 -4.71 -16.20
C ASP A 347 1.81 -5.27 -15.48
N VAL A 348 1.70 -4.97 -14.21
CA VAL A 348 0.59 -5.46 -13.42
C VAL A 348 -0.79 -5.12 -14.00
N ILE A 349 -0.96 -3.95 -14.60
CA ILE A 349 -2.28 -3.59 -15.14
C ILE A 349 -2.62 -4.35 -16.42
N GLN A 350 -1.65 -5.07 -16.94
CA GLN A 350 -1.87 -5.84 -18.14
C GLN A 350 -2.05 -7.30 -17.76
N HIS A 351 -2.56 -7.49 -16.55
CA HIS A 351 -2.82 -8.80 -16.01
C HIS A 351 -4.03 -8.72 -15.11
N VAL A 352 -4.64 -9.87 -14.88
CA VAL A 352 -5.81 -9.96 -14.04
C VAL A 352 -5.41 -9.90 -12.58
N GLY A 353 -5.90 -8.89 -11.87
CA GLY A 353 -5.58 -8.73 -10.47
C GLY A 353 -4.09 -8.47 -10.37
N PHE A 354 -3.52 -8.77 -9.23
CA PHE A 354 -2.09 -8.56 -9.08
C PHE A 354 -1.33 -9.65 -9.79
N SER A 355 -0.10 -9.38 -10.17
CA SER A 355 0.72 -10.39 -10.84
C SER A 355 2.21 -10.22 -10.51
N LEU A 356 2.90 -11.31 -10.22
CA LEU A 356 4.32 -11.21 -9.90
C LEU A 356 5.24 -11.64 -11.05
N SER A 357 5.01 -11.15 -12.26
CA SER A 357 5.86 -11.55 -13.38
C SER A 357 7.15 -10.71 -13.52
N PHE A 358 7.03 -9.62 -14.30
CA PHE A 358 8.14 -8.69 -14.56
C PHE A 358 8.96 -9.11 -15.78
CL CL B . -1.85 -3.04 4.11
MG MG C . -6.27 3.30 -10.56
I RPP D . -10.31 -1.74 1.38
N1 RPP D . -6.28 -2.93 4.10
C2 RPP D . -5.34 -3.54 3.38
N3 RPP D . -5.35 -3.85 2.09
C4 RPP D . -6.50 -3.46 1.50
C5 RPP D . -7.59 -2.86 2.11
C6 RPP D . -7.43 -2.55 3.50
N6 RPP D . -8.36 -1.96 4.25
C7 RPP D . -8.59 -2.65 1.16
N8 RPP D . -8.10 -3.11 0.05
N9 RPP D . -6.86 -3.68 0.19
C1' RPP D . -5.93 -4.33 -0.71
C2' RPP D . -6.55 -5.50 -1.49
C3' RPP D . -5.79 -5.46 -2.84
C4' RPP D . -5.03 -4.14 -2.82
O4' RPP D . -5.56 -3.40 -1.70
O2' RPP D . -6.33 -6.72 -0.80
O3' RPP D . -4.89 -6.54 -2.96
C5' RPP D . -5.19 -3.31 -4.09
O5' RPP D . -4.39 -2.13 -4.02
PG ACP E . -5.01 -0.02 -6.23
O1G ACP E . -3.79 -0.81 -5.83
O2G ACP E . -5.55 0.81 -5.09
O3G ACP E . -5.98 -0.97 -6.88
PB ACP E . -4.83 2.59 -8.29
O1B ACP E . -6.00 2.07 -8.98
O2B ACP E . -4.88 3.61 -7.15
C3B ACP E . -4.35 1.07 -7.50
PA ACP E . -2.96 4.60 -9.68
O1A ACP E . -3.83 5.63 -10.31
O2A ACP E . -2.33 4.98 -8.38
O3A ACP E . -3.62 3.08 -9.36
O5' ACP E . -1.87 4.27 -10.65
C5' ACP E . -0.52 4.19 -10.21
C4' ACP E . 0.40 3.97 -11.37
O4' ACP E . -0.11 2.89 -12.20
C3' ACP E . 0.54 5.16 -12.31
O3' ACP E . 1.57 6.02 -11.84
C2' ACP E . 0.94 4.47 -13.60
O2' ACP E . 2.31 4.10 -13.60
C1' ACP E . 0.04 3.23 -13.56
N9 ACP E . -1.28 3.48 -14.12
C8 ACP E . -2.55 3.67 -13.67
N7 ACP E . -3.42 3.88 -14.63
C5 ACP E . -2.66 3.82 -15.79
C6 ACP E . -2.99 3.98 -17.15
N6 ACP E . -4.22 4.21 -17.60
N1 ACP E . -1.98 3.87 -18.06
C2 ACP E . -0.74 3.64 -17.62
N3 ACP E . -0.33 3.47 -16.37
C4 ACP E . -1.34 3.59 -15.49
#